data_4XF6
#
_entry.id   4XF6
#
_cell.length_a   77.364
_cell.length_b   81.255
_cell.length_c   82.046
_cell.angle_alpha   90.000
_cell.angle_beta   90.000
_cell.angle_gamma   90.000
#
_symmetry.space_group_name_H-M   'P 21 21 21'
#
loop_
_entity.id
_entity.type
_entity.pdbx_description
1 polymer 'Carbohydrate/pyrimidine kinase, PfkB family'
2 non-polymer L-MYO-INOSITOL-1-PHOSPHATE
3 non-polymer "ADENOSINE-5'-DIPHOSPHATE"
4 non-polymer 1,2,3,4,5,6-HEXAHYDROXY-CYCLOHEXANE
5 non-polymer 'MAGNESIUM ION'
6 non-polymer 'IODIDE ION'
7 non-polymer 1,2-ETHANEDIOL
8 water water
#
_entity_poly.entity_id   1
_entity_poly.type   'polypeptide(L)'
_entity_poly.pdbx_seq_one_letter_code
;MKCLVVGHVVRDIVKKGNKVLERLGGGAYYSALALSRFCDVEILTSFSNLPEEWIKELESMAKLQVVPSETTTTYELTYL
DGNRRRLKLLERASPIEELPDGEYDVLLMNPVAREVPPALVTSALKKFPFVAVDIQGFIRSSSPGEIQYQPIDGSFLKGV
KILHADLGEYQYLQGFSPEFVDVLLLSNGPEPGKAFLHGREYTFEPVHVGVDESTGAGDVFLGAFTGFYSQCPFVQALKR
AAAFTALFLKNRSVDFSMDDVNELAMKVEVKRV
;
_entity_poly.pdbx_strand_id   A,B
#
loop_
_chem_comp.id
_chem_comp.type
_chem_comp.name
_chem_comp.formula
ADP non-polymer ADENOSINE-5'-DIPHOSPHATE 'C10 H15 N5 O10 P2'
EDO non-polymer 1,2-ETHANEDIOL 'C2 H6 O2'
INS non-polymer 1,2,3,4,5,6-HEXAHYDROXY-CYCLOHEXANE 'C6 H12 O6'
IOD non-polymer 'IODIDE ION' 'I -1'
LIP non-polymer L-MYO-INOSITOL-1-PHOSPHATE 'C6 H11 O9 P -2'
MG non-polymer 'MAGNESIUM ION' 'Mg 2'
#
# COMPACT_ATOMS: atom_id res chain seq x y z
N MET A 1 10.22 19.81 27.61
CA MET A 1 10.08 20.39 26.24
C MET A 1 8.90 19.76 25.47
N LYS A 2 8.57 20.41 24.35
CA LYS A 2 7.45 20.04 23.48
C LYS A 2 7.96 20.25 22.05
N CYS A 3 7.90 19.21 21.22
N CYS A 3 7.91 19.19 21.23
CA CYS A 3 8.34 19.36 19.83
CA CYS A 3 8.43 19.20 19.85
C CYS A 3 7.29 19.00 18.81
C CYS A 3 7.31 18.96 18.80
N LEU A 4 7.42 19.60 17.64
CA LEU A 4 6.56 19.31 16.51
C LEU A 4 7.42 18.70 15.44
N VAL A 5 7.06 17.51 15.00
CA VAL A 5 7.75 16.82 13.91
C VAL A 5 6.82 16.81 12.68
N VAL A 6 7.32 17.27 11.54
CA VAL A 6 6.49 17.53 10.38
C VAL A 6 6.94 16.67 9.21
N GLY A 7 5.97 16.01 8.56
CA GLY A 7 6.23 15.17 7.39
C GLY A 7 5.35 13.90 7.39
N HIS A 8 5.35 13.21 6.26
CA HIS A 8 4.47 12.10 6.05
C HIS A 8 4.94 10.90 6.83
N VAL A 9 3.99 10.25 7.47
CA VAL A 9 4.22 8.87 7.87
C VAL A 9 4.01 8.00 6.64
N VAL A 10 4.67 6.85 6.60
CA VAL A 10 4.79 6.07 5.38
C VAL A 10 4.42 4.61 5.62
N ARG A 11 3.80 4.01 4.61
CA ARG A 11 3.66 2.55 4.57
C ARG A 11 4.86 2.04 3.83
N ASP A 12 5.81 1.51 4.59
CA ASP A 12 7.01 0.96 4.03
C ASP A 12 6.73 -0.52 3.56
N ILE A 13 7.16 -0.81 2.33
CA ILE A 13 7.25 -2.16 1.84
C ILE A 13 8.74 -2.46 1.78
N VAL A 14 9.22 -3.22 2.76
CA VAL A 14 10.67 -3.45 2.96
C VAL A 14 11.02 -4.80 2.37
N LYS A 15 11.99 -4.82 1.48
CA LYS A 15 12.41 -6.03 0.78
C LYS A 15 13.89 -6.24 1.08
N LYS A 16 14.19 -7.41 1.61
CA LYS A 16 15.55 -7.81 2.02
C LYS A 16 15.71 -9.20 1.49
N GLY A 17 16.39 -9.36 0.36
CA GLY A 17 16.56 -10.64 -0.30
C GLY A 17 15.27 -11.06 -0.98
N ASN A 18 14.81 -12.28 -0.73
CA ASN A 18 13.51 -12.68 -1.17
C ASN A 18 12.42 -12.38 -0.12
N LYS A 19 12.72 -11.65 0.95
CA LYS A 19 11.74 -11.46 2.00
C LYS A 19 11.05 -10.07 1.87
N VAL A 20 9.76 -10.02 2.14
CA VAL A 20 9.01 -8.77 2.04
C VAL A 20 8.14 -8.58 3.26
N LEU A 21 8.08 -7.35 3.75
CA LEU A 21 7.18 -7.01 4.84
C LEU A 21 6.72 -5.57 4.74
N GLU A 22 5.57 -5.30 5.34
CA GLU A 22 5.03 -3.96 5.44
C GLU A 22 5.25 -3.49 6.85
N ARG A 23 5.74 -2.26 7.01
CA ARG A 23 5.65 -1.60 8.28
C ARG A 23 5.65 -0.11 8.20
N LEU A 24 5.33 0.47 9.36
CA LEU A 24 5.29 1.87 9.58
C LEU A 24 6.68 2.46 9.37
N GLY A 25 6.74 3.57 8.65
CA GLY A 25 7.99 4.25 8.41
C GLY A 25 7.74 5.75 8.25
N GLY A 26 8.74 6.42 7.71
CA GLY A 26 8.66 7.85 7.48
C GLY A 26 9.59 8.59 8.42
N GLY A 27 10.18 9.66 7.86
CA GLY A 27 10.99 10.59 8.60
C GLY A 27 10.32 11.11 9.85
N ALA A 28 9.07 11.50 9.73
CA ALA A 28 8.32 12.01 10.89
C ALA A 28 8.21 10.98 12.00
N TYR A 29 7.90 9.74 11.62
CA TYR A 29 7.76 8.64 12.58
C TYR A 29 9.08 8.40 13.27
N TYR A 30 10.14 8.14 12.50
CA TYR A 30 11.40 7.77 13.09
C TYR A 30 12.04 8.89 13.91
N SER A 31 11.97 10.14 13.46
CA SER A 31 12.47 11.24 14.22
C SER A 31 11.65 11.48 15.48
N ALA A 32 10.33 11.29 15.39
CA ALA A 32 9.48 11.40 16.59
C ALA A 32 9.78 10.30 17.61
N LEU A 33 10.06 9.09 17.11
CA LEU A 33 10.40 7.96 17.93
C LEU A 33 11.62 8.25 18.81
N ALA A 34 12.64 8.88 18.20
CA ALA A 34 13.87 9.28 18.88
C ALA A 34 13.57 10.36 19.91
N LEU A 35 12.89 11.42 19.47
CA LEU A 35 12.57 12.54 20.34
C LEU A 35 11.60 12.22 21.48
N SER A 36 10.79 11.16 21.35
CA SER A 36 9.86 10.70 22.42
C SER A 36 10.57 10.30 23.72
N ARG A 37 11.87 9.98 23.63
CA ARG A 37 12.67 9.69 24.80
C ARG A 37 13.13 10.95 25.49
N PHE A 38 12.95 12.12 24.88
CA PHE A 38 13.40 13.38 25.49
C PHE A 38 12.25 14.29 25.86
N CYS A 39 11.14 14.19 25.14
CA CYS A 39 10.11 15.21 25.31
C CYS A 39 8.74 14.74 24.85
N ASP A 40 7.72 15.54 25.16
CA ASP A 40 6.38 15.39 24.56
C ASP A 40 6.46 15.76 23.08
N VAL A 41 6.11 14.83 22.22
CA VAL A 41 6.14 15.05 20.77
C VAL A 41 4.75 15.15 20.17
N GLU A 42 4.59 16.04 19.20
CA GLU A 42 3.42 16.02 18.33
C GLU A 42 3.87 15.88 16.89
N ILE A 43 3.06 15.20 16.08
CA ILE A 43 3.39 14.92 14.67
C ILE A 43 2.37 15.57 13.78
N LEU A 44 2.83 16.44 12.90
CA LEU A 44 1.99 17.02 11.85
C LEU A 44 2.25 16.22 10.58
N THR A 45 1.24 15.57 10.05
CA THR A 45 1.47 14.62 9.00
C THR A 45 0.25 14.58 8.08
N SER A 46 0.28 13.66 7.12
CA SER A 46 -0.86 13.39 6.27
C SER A 46 -0.84 11.91 5.94
N PHE A 47 -2.02 11.32 5.94
CA PHE A 47 -2.22 9.98 5.38
C PHE A 47 -3.71 9.73 5.25
N SER A 48 -4.07 8.63 4.58
CA SER A 48 -5.47 8.27 4.39
C SER A 48 -5.83 7.11 5.31
N ASN A 49 -5.30 5.94 5.02
CA ASN A 49 -5.54 4.76 5.82
C ASN A 49 -4.21 4.28 6.33
N LEU A 50 -4.22 3.77 7.55
CA LEU A 50 -3.12 3.00 8.11
C LEU A 50 -3.73 1.92 9.00
N PRO A 51 -2.99 0.84 9.24
CA PRO A 51 -3.58 -0.21 10.09
C PRO A 51 -3.78 0.30 11.50
N GLU A 52 -4.90 -0.05 12.08
CA GLU A 52 -5.22 0.27 13.46
C GLU A 52 -3.97 0.13 14.36
N GLU A 53 -3.25 -1.00 14.29
CA GLU A 53 -2.09 -1.21 15.18
C GLU A 53 -1.04 -0.12 14.95
N TRP A 54 -0.86 0.32 13.69
CA TRP A 54 0.13 1.37 13.42
C TRP A 54 -0.32 2.74 13.98
N ILE A 55 -1.61 3.04 13.84
CA ILE A 55 -2.16 4.24 14.39
C ILE A 55 -2.01 4.20 15.93
N LYS A 56 -2.22 3.06 16.56
CA LYS A 56 -1.99 2.96 18.01
C LYS A 56 -0.52 3.22 18.37
N GLU A 57 0.42 2.68 17.58
CA GLU A 57 1.84 2.92 17.82
C GLU A 57 2.15 4.46 17.77
N LEU A 58 1.73 5.12 16.71
CA LEU A 58 1.91 6.57 16.62
C LEU A 58 1.29 7.33 17.78
N GLU A 59 0.02 7.07 18.08
CA GLU A 59 -0.67 7.78 19.16
C GLU A 59 -0.16 7.40 20.56
N SER A 60 0.50 6.26 20.72
CA SER A 60 1.12 5.95 22.01
C SER A 60 2.37 6.83 22.21
N MET A 61 3.03 7.21 21.13
CA MET A 61 4.32 7.95 21.20
C MET A 61 4.11 9.48 21.00
N ALA A 62 2.98 9.89 20.43
CA ALA A 62 2.81 11.31 20.00
C ALA A 62 1.33 11.72 19.82
N LYS A 63 1.03 13.00 20.03
CA LYS A 63 -0.25 13.53 19.56
C LYS A 63 -0.16 13.71 18.04
N LEU A 64 -1.22 13.35 17.31
CA LEU A 64 -1.20 13.38 15.85
C LEU A 64 -2.05 14.53 15.33
N GLN A 65 -1.54 15.19 14.30
CA GLN A 65 -2.31 16.22 13.57
C GLN A 65 -2.22 15.80 12.13
N VAL A 66 -3.35 15.41 11.54
CA VAL A 66 -3.35 14.76 10.24
C VAL A 66 -4.06 15.63 9.22
N VAL A 67 -3.36 16.00 8.15
CA VAL A 67 -4.00 16.72 7.06
C VAL A 67 -4.78 15.64 6.31
N PRO A 68 -6.11 15.85 6.10
CA PRO A 68 -6.85 14.88 5.28
C PRO A 68 -6.18 14.58 3.95
N SER A 69 -6.38 13.37 3.44
CA SER A 69 -5.75 12.88 2.21
C SER A 69 -6.54 11.67 1.76
N GLU A 70 -6.57 11.40 0.45
CA GLU A 70 -7.18 10.15 -0.04
C GLU A 70 -6.14 9.06 -0.27
N THR A 71 -4.86 9.41 -0.10
CA THR A 71 -3.73 8.53 -0.34
C THR A 71 -2.80 8.51 0.88
N THR A 72 -2.03 7.44 1.02
CA THR A 72 -1.05 7.30 2.07
C THR A 72 0.29 7.15 1.36
N THR A 73 1.30 7.94 1.78
CA THR A 73 2.62 7.83 1.14
C THR A 73 3.15 6.40 1.37
N THR A 74 3.60 5.76 0.30
CA THR A 74 4.01 4.32 0.35
C THR A 74 5.33 4.22 -0.43
N TYR A 75 6.37 3.73 0.23
CA TYR A 75 7.70 3.50 -0.36
C TYR A 75 8.05 2.03 -0.33
N GLU A 76 8.66 1.54 -1.42
CA GLU A 76 9.29 0.24 -1.41
C GLU A 76 10.77 0.46 -1.25
N LEU A 77 11.37 -0.15 -0.23
CA LEU A 77 12.80 -0.05 0.03
C LEU A 77 13.43 -1.44 -0.16
N THR A 78 14.37 -1.53 -1.09
CA THR A 78 15.06 -2.78 -1.37
C THR A 78 16.49 -2.67 -0.84
N TYR A 79 16.88 -3.60 0.04
CA TYR A 79 18.18 -3.56 0.67
C TYR A 79 19.08 -4.62 0.06
N LEU A 80 20.20 -4.18 -0.50
CA LEU A 80 21.23 -5.05 -1.06
C LEU A 80 22.38 -5.31 -0.07
N ASP A 81 22.63 -4.33 0.80
CA ASP A 81 23.34 -4.56 2.05
C ASP A 81 22.54 -3.82 3.12
N GLY A 82 23.10 -3.59 4.30
CA GLY A 82 22.44 -2.76 5.33
C GLY A 82 22.10 -1.32 4.95
N ASN A 83 22.94 -0.66 4.16
CA ASN A 83 22.65 0.73 3.75
C ASN A 83 22.29 0.94 2.27
N ARG A 84 23.08 0.38 1.33
CA ARG A 84 22.72 0.49 -0.09
C ARG A 84 21.30 0.04 -0.41
N ARG A 85 20.48 1.01 -0.79
CA ARG A 85 19.08 0.75 -1.01
C ARG A 85 18.57 1.43 -2.28
N ARG A 86 17.53 0.80 -2.81
CA ARG A 86 16.72 1.29 -3.88
C ARG A 86 15.43 1.74 -3.20
N LEU A 87 14.99 2.96 -3.49
CA LEU A 87 13.69 3.44 -3.06
C LEU A 87 12.83 3.67 -4.29
N LYS A 88 11.56 3.31 -4.16
CA LYS A 88 10.56 3.48 -5.20
C LYS A 88 9.34 4.10 -4.48
N LEU A 89 8.92 5.29 -4.92
CA LEU A 89 7.69 5.89 -4.43
C LEU A 89 6.48 5.31 -5.18
N LEU A 90 5.57 4.68 -4.44
CA LEU A 90 4.39 4.06 -5.05
C LEU A 90 3.12 4.91 -4.94
N GLU A 91 3.10 5.88 -4.05
CA GLU A 91 1.87 6.61 -3.67
C GLU A 91 2.31 7.77 -2.77
N ARG A 92 1.61 8.90 -2.83
CA ARG A 92 2.01 10.12 -2.08
C ARG A 92 0.73 10.73 -1.48
N ALA A 93 0.78 11.00 -0.17
CA ALA A 93 -0.28 11.68 0.53
C ALA A 93 -0.23 13.18 0.24
N SER A 94 -1.20 13.91 0.77
CA SER A 94 -1.33 15.36 0.61
C SER A 94 -0.15 16.20 1.14
N PRO A 95 0.20 17.29 0.39
CA PRO A 95 1.19 18.25 0.87
C PRO A 95 0.82 18.84 2.23
N ILE A 96 1.81 19.24 3.00
CA ILE A 96 1.56 19.95 4.24
C ILE A 96 1.82 21.46 4.10
N GLU A 97 0.75 22.25 4.17
CA GLU A 97 0.77 23.68 3.82
C GLU A 97 0.64 24.63 5.00
N GLU A 98 0.10 24.15 6.11
CA GLU A 98 -0.18 25.03 7.23
C GLU A 98 0.56 24.49 8.42
N LEU A 99 1.05 25.37 9.29
CA LEU A 99 1.58 24.93 10.58
C LEU A 99 0.61 25.30 11.65
N PRO A 100 0.60 24.55 12.76
CA PRO A 100 -0.24 24.97 13.86
C PRO A 100 0.34 26.22 14.49
N ASP A 101 -0.50 26.96 15.19
CA ASP A 101 -0.11 28.23 15.72
C ASP A 101 0.08 28.13 17.24
N GLY A 102 0.23 26.89 17.71
CA GLY A 102 0.62 26.61 19.09
C GLY A 102 2.09 26.88 19.21
N GLU A 103 2.63 26.75 20.42
CA GLU A 103 4.04 27.08 20.65
C GLU A 103 4.86 25.87 21.08
N TYR A 104 5.90 25.57 20.32
CA TYR A 104 6.75 24.42 20.53
C TYR A 104 8.21 24.86 20.73
N ASP A 105 8.89 24.19 21.65
CA ASP A 105 10.32 24.38 21.83
C ASP A 105 11.16 24.00 20.59
N VAL A 106 10.69 23.04 19.79
CA VAL A 106 11.46 22.57 18.64
C VAL A 106 10.52 22.14 17.53
N LEU A 107 10.77 22.62 16.32
CA LEU A 107 10.08 22.14 15.14
C LEU A 107 11.09 21.35 14.28
N LEU A 108 10.84 20.05 14.10
CA LEU A 108 11.69 19.21 13.24
C LEU A 108 10.94 18.85 11.96
N MET A 109 11.48 19.32 10.84
CA MET A 109 10.91 19.10 9.53
C MET A 109 11.60 17.96 8.82
N ASN A 110 10.89 16.85 8.66
CA ASN A 110 11.48 15.68 8.07
C ASN A 110 10.49 15.11 7.04
N PRO A 111 10.42 15.74 5.88
CA PRO A 111 9.61 15.14 4.82
C PRO A 111 10.34 14.00 4.11
N VAL A 112 9.58 13.21 3.35
CA VAL A 112 10.13 12.16 2.52
C VAL A 112 9.72 12.22 1.06
N ALA A 113 8.72 13.03 0.70
CA ALA A 113 8.21 13.02 -0.67
C ALA A 113 7.75 14.39 -1.14
N ARG A 114 8.52 15.42 -0.81
CA ARG A 114 8.25 16.81 -1.23
C ARG A 114 6.99 17.38 -0.64
N GLU A 115 6.57 16.87 0.52
CA GLU A 115 5.30 17.27 1.11
C GLU A 115 5.41 18.58 1.88
N VAL A 116 6.63 19.00 2.20
CA VAL A 116 6.86 20.26 2.87
C VAL A 116 7.55 21.23 1.91
N PRO A 117 6.85 22.27 1.47
CA PRO A 117 7.58 23.23 0.61
C PRO A 117 8.69 23.99 1.36
N PRO A 118 9.75 24.40 0.63
CA PRO A 118 10.70 25.33 1.22
C PRO A 118 10.00 26.53 1.92
N ALA A 119 8.98 27.10 1.29
CA ALA A 119 8.22 28.21 1.90
C ALA A 119 7.77 27.94 3.34
N LEU A 120 7.43 26.69 3.67
CA LEU A 120 6.95 26.35 5.01
C LEU A 120 8.07 26.40 6.05
N VAL A 121 9.31 26.10 5.63
CA VAL A 121 10.49 26.24 6.51
C VAL A 121 10.71 27.73 6.84
N THR A 122 10.48 28.61 5.88
CA THR A 122 10.63 30.04 6.06
C THR A 122 9.55 30.54 7.05
N SER A 123 8.29 30.18 6.84
CA SER A 123 7.18 30.42 7.81
C SER A 123 7.55 29.94 9.22
N ALA A 124 8.00 28.70 9.29
CA ALA A 124 8.38 28.10 10.56
C ALA A 124 9.50 28.89 11.23
N LEU A 125 10.54 29.24 10.47
CA LEU A 125 11.65 30.02 11.03
C LEU A 125 11.22 31.40 11.60
N LYS A 126 10.06 31.89 11.19
CA LYS A 126 9.50 33.11 11.76
C LYS A 126 8.61 32.89 12.99
N LYS A 127 7.71 31.89 12.91
CA LYS A 127 6.70 31.66 13.96
C LYS A 127 7.25 30.85 15.13
N PHE A 128 8.37 30.15 14.89
CA PHE A 128 9.02 29.32 15.90
C PHE A 128 10.50 29.66 16.01
N PRO A 129 11.05 29.55 17.23
CA PRO A 129 12.44 29.92 17.53
C PRO A 129 13.49 28.85 17.24
N PHE A 130 13.12 27.58 17.19
CA PHE A 130 14.10 26.50 16.96
C PHE A 130 13.59 25.52 15.89
N VAL A 131 14.23 25.55 14.72
CA VAL A 131 13.87 24.69 13.63
C VAL A 131 15.00 23.73 13.30
N ALA A 132 14.69 22.42 13.27
CA ALA A 132 15.62 21.42 12.72
C ALA A 132 15.07 20.81 11.44
N VAL A 133 15.95 20.39 10.54
CA VAL A 133 15.57 19.88 9.22
C VAL A 133 16.36 18.64 8.75
N ASP A 134 15.66 17.66 8.17
CA ASP A 134 16.32 16.67 7.35
C ASP A 134 16.02 17.03 5.88
N ILE A 135 17.04 16.98 5.04
CA ILE A 135 16.93 17.42 3.66
C ILE A 135 16.26 16.40 2.73
N GLN A 136 16.18 15.14 3.16
CA GLN A 136 15.84 14.06 2.23
C GLN A 136 14.60 14.34 1.34
N GLY A 137 13.48 14.71 1.96
CA GLY A 137 12.24 14.92 1.22
C GLY A 137 12.16 16.24 0.44
N PHE A 138 13.18 17.09 0.54
CA PHE A 138 13.26 18.34 -0.25
C PHE A 138 13.95 18.17 -1.59
N ILE A 139 14.81 17.17 -1.71
CA ILE A 139 15.60 16.97 -2.93
C ILE A 139 15.17 15.77 -3.77
N ARG A 140 14.09 15.11 -3.36
CA ARG A 140 13.51 14.02 -4.12
C ARG A 140 12.44 14.64 -5.02
N SER A 141 12.24 14.13 -6.23
CA SER A 141 11.12 14.62 -7.07
C SER A 141 9.84 13.86 -6.66
N SER A 142 8.67 14.40 -6.97
CA SER A 142 7.40 13.95 -6.36
C SER A 142 6.64 12.81 -7.07
N SER A 143 7.07 12.44 -8.28
CA SER A 143 6.35 11.50 -9.16
C SER A 143 6.61 10.00 -8.87
N PRO A 144 5.72 9.11 -9.33
CA PRO A 144 5.88 7.71 -8.96
C PRO A 144 7.07 7.06 -9.64
N GLY A 145 7.84 6.32 -8.84
CA GLY A 145 8.80 5.38 -9.37
C GLY A 145 10.07 5.29 -8.56
N GLU A 146 11.07 4.65 -9.18
CA GLU A 146 12.44 4.70 -8.71
C GLU A 146 12.69 6.18 -8.44
N ILE A 147 13.22 6.57 -7.26
CA ILE A 147 13.29 8.00 -6.96
C ILE A 147 14.40 8.72 -7.77
N GLN A 148 14.08 9.95 -8.16
CA GLN A 148 15.03 10.88 -8.76
C GLN A 148 15.34 12.02 -7.78
N TYR A 149 16.53 12.60 -7.95
CA TYR A 149 16.98 13.72 -7.15
C TYR A 149 16.93 15.02 -7.96
N GLN A 150 16.54 16.12 -7.31
CA GLN A 150 16.56 17.48 -7.91
C GLN A 150 17.36 18.42 -7.02
N PRO A 151 18.33 19.14 -7.60
CA PRO A 151 19.02 20.13 -6.78
C PRO A 151 18.06 21.20 -6.26
N ILE A 152 18.39 21.79 -5.12
CA ILE A 152 17.70 22.98 -4.63
C ILE A 152 18.69 24.01 -4.08
N ASP A 153 18.27 25.28 -4.08
CA ASP A 153 19.02 26.36 -3.45
C ASP A 153 18.84 26.19 -1.94
N GLY A 154 19.93 26.44 -1.21
CA GLY A 154 19.93 26.24 0.22
C GLY A 154 19.73 27.48 1.07
N SER A 155 19.57 28.66 0.44
CA SER A 155 19.48 29.93 1.17
C SER A 155 18.35 29.98 2.19
N PHE A 156 17.20 29.39 1.86
CA PHE A 156 16.08 29.29 2.81
C PHE A 156 16.41 28.55 4.10
N LEU A 157 17.51 27.78 4.15
CA LEU A 157 17.89 27.08 5.39
C LEU A 157 18.64 27.95 6.40
N LYS A 158 19.10 29.14 5.97
CA LYS A 158 19.74 30.08 6.88
C LYS A 158 18.87 30.31 8.09
N GLY A 159 19.43 30.20 9.28
CA GLY A 159 18.64 30.24 10.51
C GLY A 159 18.25 28.88 11.04
N VAL A 160 18.31 27.82 10.22
CA VAL A 160 18.03 26.46 10.72
C VAL A 160 19.09 26.11 11.76
N LYS A 161 18.64 25.50 12.85
CA LYS A 161 19.54 25.15 13.95
C LYS A 161 20.35 23.91 13.66
N ILE A 162 19.66 22.85 13.18
CA ILE A 162 20.30 21.56 12.93
C ILE A 162 19.74 20.95 11.64
N LEU A 163 20.63 20.54 10.74
CA LEU A 163 20.26 20.06 9.42
C LEU A 163 20.98 18.74 9.28
N HIS A 164 20.31 17.70 8.80
CA HIS A 164 20.97 16.45 8.50
C HIS A 164 20.80 16.05 7.02
N ALA A 165 21.87 15.56 6.41
CA ALA A 165 21.85 14.95 5.09
C ALA A 165 22.83 13.79 5.09
N ASP A 166 22.51 12.70 4.39
CA ASP A 166 23.56 11.70 4.15
C ASP A 166 24.41 12.18 2.96
N LEU A 167 25.54 11.52 2.71
CA LEU A 167 26.52 12.00 1.75
C LEU A 167 25.96 12.19 0.32
N GLY A 168 25.11 11.27 -0.13
CA GLY A 168 24.58 11.30 -1.51
C GLY A 168 23.56 12.41 -1.69
N GLU A 169 22.93 12.79 -0.60
CA GLU A 169 21.89 13.82 -0.61
C GLU A 169 22.50 15.22 -0.61
N TYR A 170 23.61 15.37 0.12
CA TYR A 170 24.30 16.63 0.29
C TYR A 170 24.74 17.32 -1.01
N GLN A 171 25.08 16.52 -2.02
CA GLN A 171 25.61 17.06 -3.26
CA GLN A 171 25.58 17.03 -3.31
C GLN A 171 24.48 17.75 -4.07
N TYR A 172 23.22 17.53 -3.68
CA TYR A 172 22.11 18.23 -4.35
C TYR A 172 21.74 19.53 -3.65
N LEU A 173 22.51 19.89 -2.64
CA LEU A 173 22.31 21.13 -1.93
C LEU A 173 23.28 22.15 -2.52
N GLN A 174 22.83 23.37 -2.73
CA GLN A 174 23.70 24.39 -3.31
C GLN A 174 23.25 25.78 -2.89
N GLY A 175 24.09 26.78 -3.17
CA GLY A 175 24.01 28.06 -2.48
C GLY A 175 24.14 27.78 -0.98
N PHE A 176 24.94 26.77 -0.65
CA PHE A 176 25.00 26.30 0.74
C PHE A 176 26.41 26.09 1.26
N SER A 177 26.69 26.69 2.42
CA SER A 177 27.91 26.43 3.15
C SER A 177 27.47 26.01 4.55
N PRO A 178 28.26 25.16 5.22
CA PRO A 178 27.76 24.66 6.53
C PRO A 178 27.38 25.70 7.58
N GLU A 179 27.94 26.91 7.49
CA GLU A 179 27.68 27.92 8.50
C GLU A 179 26.32 28.60 8.33
N PHE A 180 25.58 28.22 7.30
CA PHE A 180 24.16 28.62 7.18
C PHE A 180 23.32 28.13 8.34
N VAL A 181 23.80 27.12 9.05
CA VAL A 181 23.07 26.49 10.15
C VAL A 181 23.98 26.36 11.37
N ASP A 182 23.43 26.32 12.58
CA ASP A 182 24.27 26.10 13.78
C ASP A 182 24.98 24.72 13.76
N VAL A 183 24.28 23.67 13.34
CA VAL A 183 24.89 22.33 13.21
C VAL A 183 24.43 21.62 11.96
N LEU A 184 25.41 21.27 11.11
CA LEU A 184 25.19 20.37 9.98
C LEU A 184 25.69 18.97 10.35
N LEU A 185 24.79 17.99 10.24
CA LEU A 185 25.14 16.57 10.42
C LEU A 185 25.21 15.89 9.08
N LEU A 186 26.41 15.48 8.66
CA LEU A 186 26.63 14.97 7.32
C LEU A 186 27.10 13.53 7.43
N SER A 187 26.16 12.60 7.31
CA SER A 187 26.39 11.21 7.67
C SER A 187 26.65 10.37 6.42
N ASN A 188 27.28 9.22 6.63
CA ASN A 188 27.60 8.32 5.55
C ASN A 188 27.41 6.83 5.89
N GLY A 189 26.22 6.48 6.40
CA GLY A 189 25.91 5.10 6.83
C GLY A 189 26.85 4.54 7.91
N PRO A 190 27.40 3.33 7.68
CA PRO A 190 28.35 2.77 8.65
C PRO A 190 29.72 3.47 8.65
N GLU A 191 29.99 4.31 7.63
CA GLU A 191 31.31 4.92 7.43
C GLU A 191 31.46 6.20 8.25
N PRO A 192 32.68 6.77 8.28
CA PRO A 192 32.82 7.98 9.08
C PRO A 192 31.93 9.12 8.61
N GLY A 193 31.44 9.91 9.55
CA GLY A 193 30.57 11.03 9.21
C GLY A 193 31.24 12.36 9.50
N LYS A 194 30.56 13.46 9.15
CA LYS A 194 31.02 14.79 9.53
C LYS A 194 29.96 15.59 10.26
N ALA A 195 30.37 16.35 11.26
CA ALA A 195 29.48 17.31 11.90
C ALA A 195 30.13 18.70 11.88
N PHE A 196 29.36 19.73 11.58
CA PHE A 196 29.88 21.11 11.63
C PHE A 196 29.16 21.93 12.70
N LEU A 197 29.92 22.58 13.57
CA LEU A 197 29.38 23.47 14.59
C LEU A 197 29.80 24.89 14.22
N HIS A 198 28.83 25.72 13.84
CA HIS A 198 29.08 27.05 13.25
C HIS A 198 30.12 26.97 12.16
N GLY A 199 29.99 25.97 11.30
CA GLY A 199 30.85 25.81 10.14
C GLY A 199 32.20 25.18 10.36
N ARG A 200 32.55 24.92 11.62
CA ARG A 200 33.83 24.28 11.94
C ARG A 200 33.63 22.77 11.95
N GLU A 201 34.47 22.07 11.21
CA GLU A 201 34.25 20.67 10.94
C GLU A 201 34.77 19.71 12.03
N TYR A 202 33.97 18.70 12.34
CA TYR A 202 34.37 17.54 13.17
C TYR A 202 34.05 16.26 12.38
N THR A 203 34.86 15.22 12.59
CA THR A 203 34.56 13.88 12.06
C THR A 203 34.12 12.95 13.20
N PHE A 204 33.20 12.03 12.89
CA PHE A 204 32.83 10.97 13.85
C PHE A 204 32.78 9.59 13.17
N GLU A 205 33.04 8.56 13.96
CA GLU A 205 33.03 7.18 13.49
C GLU A 205 31.88 6.44 14.16
N PRO A 206 30.86 5.99 13.41
CA PRO A 206 29.76 5.30 14.09
C PRO A 206 30.14 3.99 14.77
N VAL A 207 29.26 3.48 15.63
CA VAL A 207 29.41 2.18 16.28
C VAL A 207 29.15 1.09 15.23
N HIS A 208 30.01 0.08 15.16
CA HIS A 208 29.86 -1.01 14.19
C HIS A 208 28.71 -1.94 14.63
N VAL A 209 27.68 -2.07 13.79
CA VAL A 209 26.57 -3.01 14.01
C VAL A 209 26.30 -3.78 12.71
N GLY A 210 26.03 -5.09 12.81
CA GLY A 210 25.68 -5.89 11.64
C GLY A 210 24.17 -5.96 11.40
N VAL A 211 23.67 -5.19 10.44
CA VAL A 211 22.23 -5.13 10.19
C VAL A 211 21.83 -5.43 8.74
N ASP A 212 20.67 -6.06 8.59
CA ASP A 212 20.16 -6.38 7.26
C ASP A 212 19.46 -5.19 6.60
N GLU A 213 19.13 -4.17 7.37
CA GLU A 213 18.60 -2.92 6.80
C GLU A 213 18.88 -1.81 7.80
N SER A 214 18.79 -0.56 7.33
CA SER A 214 19.06 0.61 8.13
C SER A 214 17.95 1.66 8.02
N THR A 215 16.72 1.23 7.75
CA THR A 215 15.60 2.14 7.55
C THR A 215 15.38 3.00 8.80
N GLY A 216 15.40 4.32 8.60
CA GLY A 216 15.18 5.28 9.70
C GLY A 216 16.43 5.80 10.41
N ALA A 217 17.59 5.21 10.12
CA ALA A 217 18.89 5.65 10.70
C ALA A 217 19.11 7.18 10.78
N GLY A 218 19.07 7.85 9.64
CA GLY A 218 19.20 9.28 9.59
C GLY A 218 18.16 10.03 10.42
N ASP A 219 16.91 9.60 10.37
CA ASP A 219 15.85 10.23 11.13
C ASP A 219 16.09 10.13 12.63
N VAL A 220 16.39 8.92 13.08
CA VAL A 220 16.74 8.68 14.50
C VAL A 220 17.98 9.48 14.88
N PHE A 221 18.97 9.55 13.98
CA PHE A 221 20.22 10.24 14.31
C PHE A 221 19.94 11.76 14.51
N LEU A 222 19.15 12.35 13.61
CA LEU A 222 18.77 13.76 13.71
C LEU A 222 17.94 14.00 14.96
N GLY A 223 16.96 13.11 15.20
CA GLY A 223 16.05 13.23 16.32
C GLY A 223 16.79 13.12 17.64
N ALA A 224 17.64 12.10 17.76
CA ALA A 224 18.40 11.88 18.99
C ALA A 224 19.40 12.97 19.24
N PHE A 225 20.06 13.42 18.18
CA PHE A 225 21.02 14.52 18.33
C PHE A 225 20.33 15.78 18.83
N THR A 226 19.14 16.05 18.28
CA THR A 226 18.37 17.26 18.66
C THR A 226 18.05 17.17 20.14
N GLY A 227 17.64 15.97 20.60
CA GLY A 227 17.43 15.70 22.04
C GLY A 227 18.68 15.85 22.89
N PHE A 228 19.77 15.20 22.53
CA PHE A 228 20.99 15.31 23.34
C PHE A 228 21.61 16.72 23.34
N TYR A 229 21.54 17.38 22.19
CA TYR A 229 22.13 18.72 22.03
C TYR A 229 21.46 19.72 22.96
N SER A 230 20.23 19.45 23.34
CA SER A 230 19.52 20.34 24.22
C SER A 230 19.97 20.19 25.69
N GLN A 231 20.73 19.14 25.98
CA GLN A 231 21.14 18.87 27.37
C GLN A 231 22.62 18.41 27.47
N CYS A 232 23.40 18.38 26.36
CA CYS A 232 24.83 17.98 26.41
C CYS A 232 25.68 18.94 25.61
N PRO A 233 26.96 19.07 25.95
CA PRO A 233 27.87 19.76 25.04
C PRO A 233 27.83 19.11 23.68
N PHE A 234 28.19 19.87 22.66
CA PHE A 234 28.15 19.42 21.28
C PHE A 234 28.72 17.99 21.07
N VAL A 235 29.94 17.76 21.53
CA VAL A 235 30.67 16.54 21.18
C VAL A 235 30.01 15.34 21.80
N GLN A 236 29.68 15.48 23.08
CA GLN A 236 28.95 14.45 23.79
C GLN A 236 27.62 14.17 23.11
N ALA A 237 26.93 15.23 22.68
CA ALA A 237 25.65 15.03 22.01
C ALA A 237 25.82 14.21 20.75
N LEU A 238 26.85 14.50 19.98
CA LEU A 238 27.19 13.76 18.76
C LEU A 238 27.41 12.30 19.10
N LYS A 239 28.22 12.03 20.13
CA LYS A 239 28.56 10.67 20.51
C LYS A 239 27.31 9.92 20.97
N ARG A 240 26.53 10.55 21.84
CA ARG A 240 25.31 9.93 22.31
C ARG A 240 24.29 9.72 21.16
N ALA A 241 24.19 10.64 20.20
CA ALA A 241 23.31 10.41 19.05
C ALA A 241 23.73 9.15 18.28
N ALA A 242 25.02 9.01 18.05
CA ALA A 242 25.57 7.87 17.34
C ALA A 242 25.24 6.57 18.06
N ALA A 243 25.49 6.54 19.37
CA ALA A 243 25.21 5.36 20.19
C ALA A 243 23.71 4.98 20.20
N PHE A 244 22.87 5.97 20.43
CA PHE A 244 21.40 5.82 20.39
C PHE A 244 20.96 5.20 19.08
N THR A 245 21.42 5.79 17.97
CA THR A 245 21.11 5.30 16.64
C THR A 245 21.59 3.85 16.43
N ALA A 246 22.76 3.53 16.98
CA ALA A 246 23.33 2.19 16.89
C ALA A 246 22.46 1.18 17.68
N LEU A 247 21.99 1.58 18.85
CA LEU A 247 21.08 0.75 19.64
C LEU A 247 19.72 0.56 18.93
N PHE A 248 19.22 1.65 18.33
CA PHE A 248 17.97 1.60 17.57
C PHE A 248 18.06 0.56 16.45
N LEU A 249 19.17 0.56 15.72
CA LEU A 249 19.35 -0.33 14.55
C LEU A 249 19.31 -1.82 14.88
N LYS A 250 19.94 -2.22 15.97
CA LYS A 250 19.82 -3.60 16.35
C LYS A 250 18.55 -3.92 17.10
N ASN A 251 17.98 -2.95 17.80
CA ASN A 251 16.80 -3.23 18.59
C ASN A 251 15.58 -2.88 17.76
N ARG A 252 15.80 -2.14 16.67
CA ARG A 252 14.73 -1.53 15.87
C ARG A 252 13.64 -1.13 16.80
N SER A 253 14.04 -0.39 17.82
CA SER A 253 13.14 0.15 18.80
C SER A 253 13.92 1.24 19.54
N VAL A 254 13.25 1.91 20.48
CA VAL A 254 13.88 2.90 21.36
C VAL A 254 13.61 2.50 22.81
N ASP A 255 13.49 1.20 22.96
CA ASP A 255 13.17 0.57 24.20
C ASP A 255 14.47 -0.10 24.71
N PHE A 256 15.42 0.77 25.03
CA PHE A 256 16.66 0.49 25.74
C PHE A 256 16.87 1.66 26.73
N SER A 257 17.68 1.47 27.75
CA SER A 257 17.85 2.49 28.76
C SER A 257 18.81 3.55 28.26
N MET A 258 18.64 4.74 28.77
CA MET A 258 19.57 5.82 28.50
C MET A 258 20.94 5.52 29.08
N ASP A 259 21.01 4.72 30.15
CA ASP A 259 22.31 4.37 30.71
C ASP A 259 23.14 3.60 29.67
N ASP A 260 22.52 2.66 28.95
CA ASP A 260 23.21 1.91 27.89
C ASP A 260 23.69 2.85 26.78
N VAL A 261 22.83 3.78 26.35
CA VAL A 261 23.25 4.83 25.39
C VAL A 261 24.53 5.54 25.86
N ASN A 262 24.49 6.05 27.10
CA ASN A 262 25.62 6.78 27.67
C ASN A 262 26.89 5.94 27.76
N GLU A 263 26.75 4.66 28.14
CA GLU A 263 27.89 3.73 28.16
C GLU A 263 28.49 3.52 26.76
N LEU A 264 27.64 3.29 25.77
CA LEU A 264 28.13 3.09 24.40
C LEU A 264 28.77 4.36 23.84
N ALA A 265 28.14 5.50 24.12
CA ALA A 265 28.61 6.81 23.63
C ALA A 265 30.05 7.13 24.00
N MET A 266 30.48 6.62 25.15
CA MET A 266 31.87 6.80 25.58
C MET A 266 32.86 6.25 24.53
N LYS A 267 32.46 5.21 23.79
CA LYS A 267 33.34 4.55 22.82
C LYS A 267 33.26 5.11 21.39
N VAL A 268 32.49 6.18 21.17
CA VAL A 268 32.42 6.76 19.83
C VAL A 268 33.55 7.79 19.63
N GLU A 269 34.33 7.61 18.57
CA GLU A 269 35.42 8.49 18.22
C GLU A 269 34.90 9.77 17.55
N VAL A 270 35.34 10.93 18.04
CA VAL A 270 35.05 12.21 17.40
C VAL A 270 36.32 13.06 17.40
N LYS A 271 36.70 13.59 16.23
CA LYS A 271 37.89 14.46 16.11
C LYS A 271 37.50 15.85 15.58
N ARG A 272 38.20 16.89 16.02
CA ARG A 272 37.96 18.25 15.53
C ARG A 272 38.93 18.60 14.39
N VAL A 273 38.46 19.45 13.46
CA VAL A 273 39.22 19.99 12.32
C VAL A 273 39.11 19.09 11.09
N MET B 1 -28.60 -21.06 2.01
CA MET B 1 -27.55 -21.28 0.98
C MET B 1 -26.27 -20.65 1.53
N LYS B 2 -25.16 -21.37 1.45
CA LYS B 2 -23.87 -20.85 1.90
C LYS B 2 -22.91 -20.94 0.74
N CYS B 3 -22.07 -19.93 0.58
N CYS B 3 -22.09 -19.91 0.54
CA CYS B 3 -21.06 -19.93 -0.48
CA CYS B 3 -21.05 -19.93 -0.47
C CYS B 3 -19.71 -19.51 0.08
C CYS B 3 -19.72 -19.66 0.23
N LEU B 4 -18.66 -20.25 -0.29
CA LEU B 4 -17.30 -19.93 0.08
C LEU B 4 -16.68 -19.24 -1.10
N VAL B 5 -16.26 -18.00 -0.90
CA VAL B 5 -15.55 -17.23 -1.91
C VAL B 5 -14.05 -17.15 -1.59
N VAL B 6 -13.21 -17.50 -2.57
CA VAL B 6 -11.77 -17.66 -2.34
C VAL B 6 -10.90 -16.77 -3.21
N GLY B 7 -9.97 -16.06 -2.57
CA GLY B 7 -9.04 -15.17 -3.29
C GLY B 7 -8.55 -14.04 -2.38
N HIS B 8 -7.50 -13.36 -2.84
CA HIS B 8 -6.96 -12.20 -2.13
C HIS B 8 -7.92 -11.02 -2.18
N VAL B 9 -8.28 -10.47 -1.03
CA VAL B 9 -8.78 -9.09 -1.02
C VAL B 9 -7.60 -8.17 -1.30
N VAL B 10 -7.86 -7.02 -1.92
CA VAL B 10 -6.80 -6.16 -2.41
C VAL B 10 -6.88 -4.72 -1.93
N ARG B 11 -5.73 -4.13 -1.63
CA ARG B 11 -5.60 -2.68 -1.53
C ARG B 11 -5.45 -2.12 -2.93
N ASP B 12 -6.54 -1.59 -3.48
CA ASP B 12 -6.49 -0.89 -4.77
C ASP B 12 -6.02 0.56 -4.68
N ILE B 13 -5.02 0.88 -5.48
CA ILE B 13 -4.63 2.26 -5.72
C ILE B 13 -5.21 2.56 -7.12
N VAL B 14 -6.23 3.40 -7.16
CA VAL B 14 -6.96 3.65 -8.40
CA VAL B 14 -6.99 3.65 -8.38
C VAL B 14 -6.65 5.04 -8.92
N LYS B 15 -6.16 5.09 -10.15
CA LYS B 15 -5.76 6.32 -10.82
C LYS B 15 -6.63 6.56 -12.03
N LYS B 16 -7.26 7.74 -12.09
CA LYS B 16 -8.26 8.06 -13.10
C LYS B 16 -8.08 9.50 -13.46
N GLY B 17 -7.28 9.77 -14.49
CA GLY B 17 -6.82 11.13 -14.75
C GLY B 17 -5.87 11.49 -13.63
N ASN B 18 -5.92 12.73 -13.16
CA ASN B 18 -5.08 13.18 -12.05
C ASN B 18 -5.55 12.69 -10.67
N LYS B 19 -6.78 12.20 -10.58
CA LYS B 19 -7.35 11.72 -9.33
C LYS B 19 -6.77 10.36 -8.90
N VAL B 20 -6.30 10.28 -7.65
CA VAL B 20 -5.80 9.02 -7.07
C VAL B 20 -6.51 8.69 -5.76
N LEU B 21 -6.89 7.42 -5.58
CA LEU B 21 -7.47 7.00 -4.30
C LEU B 21 -7.27 5.54 -3.97
N GLU B 22 -7.32 5.26 -2.67
CA GLU B 22 -7.23 3.91 -2.14
C GLU B 22 -8.60 3.37 -1.89
N ARG B 23 -8.83 2.12 -2.29
CA ARG B 23 -10.09 1.48 -2.05
C ARG B 23 -9.91 -0.02 -1.86
N LEU B 24 -10.87 -0.61 -1.14
CA LEU B 24 -10.90 -2.02 -0.98
C LEU B 24 -11.23 -2.63 -2.34
N GLY B 25 -10.59 -3.73 -2.67
CA GLY B 25 -10.87 -4.42 -3.98
C GLY B 25 -10.56 -5.87 -3.89
N GLY B 26 -10.47 -6.55 -5.03
CA GLY B 26 -10.18 -7.97 -5.10
C GLY B 26 -11.35 -8.76 -5.62
N GLY B 27 -11.02 -9.80 -6.36
CA GLY B 27 -12.05 -10.63 -6.92
C GLY B 27 -12.90 -11.18 -5.84
N ALA B 28 -12.28 -11.62 -4.75
CA ALA B 28 -13.01 -12.25 -3.65
C ALA B 28 -13.98 -11.26 -2.99
N TYR B 29 -13.56 -10.00 -2.95
CA TYR B 29 -14.35 -8.93 -2.31
C TYR B 29 -15.58 -8.68 -3.19
N TYR B 30 -15.36 -8.39 -4.49
CA TYR B 30 -16.46 -7.97 -5.33
C TYR B 30 -17.43 -9.10 -5.65
N SER B 31 -16.94 -10.31 -5.85
CA SER B 31 -17.81 -11.46 -6.02
C SER B 31 -18.60 -11.78 -4.76
N ALA B 32 -17.95 -11.69 -3.61
CA ALA B 32 -18.68 -11.84 -2.34
C ALA B 32 -19.73 -10.74 -2.11
N LEU B 33 -19.40 -9.53 -2.49
CA LEU B 33 -20.36 -8.45 -2.43
C LEU B 33 -21.63 -8.80 -3.21
N ALA B 34 -21.47 -9.27 -4.44
CA ALA B 34 -22.64 -9.64 -5.25
C ALA B 34 -23.40 -10.81 -4.67
N LEU B 35 -22.69 -11.83 -4.20
CA LEU B 35 -23.33 -12.98 -3.61
C LEU B 35 -23.99 -12.71 -2.26
N SER B 36 -23.59 -11.63 -1.59
CA SER B 36 -24.21 -11.30 -0.29
C SER B 36 -25.70 -10.97 -0.46
N ARG B 37 -26.10 -10.61 -1.68
CA ARG B 37 -27.52 -10.33 -1.95
C ARG B 37 -28.39 -11.59 -2.11
N PHE B 38 -27.76 -12.77 -2.23
CA PHE B 38 -28.46 -14.06 -2.43
C PHE B 38 -28.38 -15.05 -1.26
N CYS B 39 -27.31 -15.00 -0.47
CA CYS B 39 -26.99 -16.09 0.44
C CYS B 39 -25.97 -15.68 1.47
N ASP B 40 -25.69 -16.57 2.40
CA ASP B 40 -24.62 -16.35 3.36
C ASP B 40 -23.33 -16.60 2.63
N VAL B 41 -22.37 -15.70 2.82
CA VAL B 41 -21.09 -15.78 2.22
C VAL B 41 -20.03 -16.01 3.29
N GLU B 42 -19.00 -16.76 2.91
CA GLU B 42 -17.77 -16.81 3.66
C GLU B 42 -16.59 -16.54 2.72
N ILE B 43 -15.69 -15.67 3.15
CA ILE B 43 -14.53 -15.25 2.36
C ILE B 43 -13.30 -15.91 2.94
N LEU B 44 -12.63 -16.72 2.14
CA LEU B 44 -11.36 -17.26 2.56
C LEU B 44 -10.33 -16.45 1.78
N THR B 45 -9.45 -15.74 2.48
CA THR B 45 -8.53 -14.83 1.84
C THR B 45 -7.17 -14.90 2.53
N SER B 46 -6.30 -13.99 2.12
CA SER B 46 -5.05 -13.70 2.79
C SER B 46 -4.73 -12.19 2.65
N PHE B 47 -4.32 -11.57 3.76
CA PHE B 47 -3.75 -10.20 3.80
C PHE B 47 -2.95 -10.06 5.12
N SER B 48 -2.09 -9.03 5.24
CA SER B 48 -1.41 -8.75 6.50
C SER B 48 -2.12 -7.61 7.22
N ASN B 49 -1.99 -6.38 6.75
CA ASN B 49 -2.76 -5.28 7.31
C ASN B 49 -3.79 -4.80 6.31
N LEU B 50 -4.91 -4.34 6.83
CA LEU B 50 -5.86 -3.53 6.05
C LEU B 50 -6.44 -2.49 6.98
N PRO B 51 -7.07 -1.44 6.41
CA PRO B 51 -7.65 -0.42 7.27
C PRO B 51 -8.82 -1.03 8.03
N GLU B 52 -8.88 -0.75 9.33
CA GLU B 52 -9.96 -1.18 10.21
C GLU B 52 -11.33 -1.16 9.54
N GLU B 53 -11.69 0.00 8.99
CA GLU B 53 -12.98 0.21 8.31
C GLU B 53 -13.25 -0.74 7.12
N TRP B 54 -12.22 -1.19 6.39
CA TRP B 54 -12.42 -2.15 5.31
C TRP B 54 -12.57 -3.55 5.86
N ILE B 55 -11.85 -3.85 6.95
CA ILE B 55 -11.99 -5.15 7.59
C ILE B 55 -13.42 -5.33 8.14
N LYS B 56 -13.89 -4.25 8.76
CA LYS B 56 -15.27 -4.15 9.19
C LYS B 56 -16.23 -4.32 8.02
N GLU B 57 -16.00 -3.65 6.90
CA GLU B 57 -16.85 -3.90 5.72
C GLU B 57 -16.82 -5.38 5.23
N LEU B 58 -15.65 -5.99 5.15
CA LEU B 58 -15.62 -7.43 4.85
C LEU B 58 -16.43 -8.25 5.88
N GLU B 59 -16.19 -8.00 7.18
CA GLU B 59 -16.80 -8.82 8.24
C GLU B 59 -18.32 -8.75 8.33
N SER B 60 -18.92 -7.65 7.90
CA SER B 60 -20.38 -7.51 8.03
C SER B 60 -21.08 -8.10 6.82
N MET B 61 -20.31 -8.27 5.75
CA MET B 61 -20.80 -8.72 4.48
C MET B 61 -20.63 -10.24 4.35
N ALA B 62 -19.75 -10.82 5.18
CA ALA B 62 -19.32 -12.23 5.09
C ALA B 62 -18.54 -12.68 6.32
N LYS B 63 -18.64 -13.97 6.64
CA LYS B 63 -17.70 -14.59 7.56
C LYS B 63 -16.32 -14.60 6.88
N LEU B 64 -15.29 -14.26 7.64
CA LEU B 64 -14.00 -13.91 7.07
C LEU B 64 -12.95 -14.84 7.63
N GLN B 65 -12.20 -15.53 6.77
CA GLN B 65 -11.09 -16.36 7.20
C GLN B 65 -9.79 -15.96 6.47
N VAL B 66 -8.72 -15.81 7.23
CA VAL B 66 -7.51 -15.16 6.72
C VAL B 66 -6.30 -16.08 6.87
N VAL B 67 -5.70 -16.47 5.74
CA VAL B 67 -4.46 -17.24 5.73
C VAL B 67 -3.39 -16.24 6.15
N PRO B 68 -2.60 -16.58 7.19
CA PRO B 68 -1.57 -15.68 7.65
C PRO B 68 -0.66 -15.19 6.53
N SER B 69 -0.24 -13.94 6.65
CA SER B 69 0.58 -13.28 5.66
C SER B 69 1.30 -12.10 6.31
N GLU B 70 2.51 -11.81 5.84
CA GLU B 70 3.27 -10.61 6.23
C GLU B 70 3.01 -9.48 5.23
N THR B 71 2.28 -9.79 4.16
CA THR B 71 2.06 -8.84 3.07
C THR B 71 0.58 -8.81 2.71
N THR B 72 0.20 -7.74 2.02
CA THR B 72 -1.16 -7.49 1.57
C THR B 72 -1.10 -7.21 0.06
N THR B 73 -1.86 -7.96 -0.72
CA THR B 73 -1.86 -7.81 -2.18
C THR B 73 -2.35 -6.41 -2.50
N THR B 74 -1.57 -5.70 -3.31
CA THR B 74 -1.82 -4.33 -3.62
C THR B 74 -1.71 -4.16 -5.15
N TYR B 75 -2.75 -3.64 -5.77
CA TYR B 75 -2.78 -3.40 -7.21
C TYR B 75 -2.93 -1.93 -7.47
N GLU B 76 -2.09 -1.44 -8.35
CA GLU B 76 -2.28 -0.16 -8.92
C GLU B 76 -3.12 -0.34 -10.21
N LEU B 77 -4.22 0.40 -10.31
CA LEU B 77 -5.15 0.31 -11.44
C LEU B 77 -5.17 1.68 -12.06
N THR B 78 -4.57 1.78 -13.24
CA THR B 78 -4.50 3.03 -13.98
C THR B 78 -5.43 2.89 -15.16
N TYR B 79 -6.51 3.66 -15.15
CA TYR B 79 -7.55 3.52 -16.16
C TYR B 79 -7.29 4.55 -17.22
N LEU B 80 -7.32 4.11 -18.48
CA LEU B 80 -7.23 5.03 -19.64
C LEU B 80 -8.61 5.58 -20.06
N ASP B 81 -9.65 4.73 -20.01
CA ASP B 81 -11.03 5.13 -20.33
C ASP B 81 -12.11 4.43 -19.48
N GLY B 82 -11.76 3.97 -18.30
CA GLY B 82 -12.78 3.32 -17.47
C GLY B 82 -12.98 1.85 -17.76
N ASN B 83 -12.66 1.41 -18.98
CA ASN B 83 -12.48 -0.01 -19.24
C ASN B 83 -11.02 -0.37 -19.57
N ARG B 84 -10.39 0.41 -20.47
CA ARG B 84 -8.93 0.27 -20.76
C ARG B 84 -8.09 0.60 -19.53
N ARG B 85 -7.34 -0.38 -19.03
CA ARG B 85 -6.58 -0.20 -17.82
C ARG B 85 -5.28 -0.99 -17.82
N ARG B 86 -4.31 -0.50 -17.06
CA ARG B 86 -3.08 -1.23 -16.77
C ARG B 86 -2.99 -1.60 -15.29
N LEU B 87 -2.57 -2.83 -15.04
CA LEU B 87 -2.44 -3.37 -13.69
C LEU B 87 -0.98 -3.53 -13.37
N LYS B 88 -0.55 -3.11 -12.17
CA LYS B 88 0.72 -3.59 -11.64
C LYS B 88 0.53 -4.07 -10.23
N LEU B 89 1.16 -5.21 -9.97
CA LEU B 89 1.07 -5.90 -8.71
C LEU B 89 2.19 -5.35 -7.84
N LEU B 90 1.84 -4.49 -6.91
CA LEU B 90 2.83 -3.87 -6.04
C LEU B 90 3.30 -4.75 -4.87
N GLU B 91 2.49 -5.73 -4.47
CA GLU B 91 2.78 -6.56 -3.32
C GLU B 91 1.81 -7.73 -3.38
N ARG B 92 2.13 -8.84 -2.70
CA ARG B 92 1.28 -10.04 -2.78
C ARG B 92 1.22 -10.87 -1.50
N ALA B 93 0.01 -11.26 -1.10
CA ALA B 93 -0.22 -12.01 0.14
C ALA B 93 0.01 -13.51 -0.03
N SER B 94 -0.15 -14.26 1.05
CA SER B 94 0.12 -15.69 1.03
C SER B 94 -0.74 -16.52 0.09
N PRO B 95 -0.12 -17.55 -0.52
CA PRO B 95 -0.91 -18.51 -1.28
C PRO B 95 -1.98 -19.18 -0.42
N ILE B 96 -3.14 -19.40 -1.04
CA ILE B 96 -4.21 -20.21 -0.47
C ILE B 96 -4.10 -21.61 -1.10
N GLU B 97 -3.59 -22.57 -0.34
CA GLU B 97 -3.31 -23.91 -0.90
C GLU B 97 -4.24 -25.00 -0.32
N GLU B 98 -5.12 -24.64 0.59
CA GLU B 98 -6.12 -25.58 1.12
C GLU B 98 -7.46 -24.91 1.39
N LEU B 99 -8.53 -25.70 1.44
CA LEU B 99 -9.87 -25.21 1.73
C LEU B 99 -10.31 -25.82 3.06
N PRO B 100 -11.20 -25.15 3.81
CA PRO B 100 -11.62 -25.73 5.07
C PRO B 100 -12.86 -26.60 4.89
N ASP B 101 -13.00 -27.61 5.74
CA ASP B 101 -14.30 -28.26 5.95
C ASP B 101 -15.20 -27.14 6.47
N GLY B 102 -16.52 -27.16 6.23
CA GLY B 102 -17.21 -28.05 5.31
C GLY B 102 -18.62 -27.50 5.14
N GLU B 103 -19.42 -28.10 4.26
CA GLU B 103 -20.83 -27.73 4.11
C GLU B 103 -20.95 -26.34 3.47
N TYR B 104 -20.70 -26.29 2.18
CA TYR B 104 -20.96 -25.10 1.39
C TYR B 104 -21.72 -25.59 0.18
N ASP B 105 -22.74 -24.86 -0.25
CA ASP B 105 -23.43 -25.23 -1.47
C ASP B 105 -22.64 -24.80 -2.70
N VAL B 106 -21.92 -23.68 -2.58
CA VAL B 106 -21.20 -23.09 -3.70
C VAL B 106 -19.77 -22.72 -3.32
N LEU B 107 -18.85 -22.99 -4.23
CA LEU B 107 -17.48 -22.49 -4.11
C LEU B 107 -17.17 -21.59 -5.28
N LEU B 108 -16.71 -20.38 -5.01
CA LEU B 108 -16.36 -19.43 -6.05
C LEU B 108 -14.93 -19.03 -5.83
N MET B 109 -14.12 -19.48 -6.77
CA MET B 109 -12.68 -19.28 -6.80
C MET B 109 -12.43 -18.08 -7.66
N ASN B 110 -11.92 -17.02 -7.06
CA ASN B 110 -11.63 -15.78 -7.80
C ASN B 110 -10.32 -15.17 -7.33
N PRO B 111 -9.19 -15.78 -7.75
CA PRO B 111 -7.90 -15.24 -7.42
C PRO B 111 -7.60 -14.02 -8.24
N VAL B 112 -6.64 -13.22 -7.80
CA VAL B 112 -6.13 -12.13 -8.64
C VAL B 112 -4.63 -12.12 -8.85
N ALA B 113 -3.90 -13.01 -8.17
CA ALA B 113 -2.43 -13.01 -8.26
C ALA B 113 -1.83 -14.41 -8.11
N ARG B 114 -2.33 -15.36 -8.88
CA ARG B 114 -1.90 -16.75 -8.77
C ARG B 114 -2.00 -17.38 -7.37
N GLU B 115 -2.93 -16.93 -6.52
CA GLU B 115 -2.92 -17.42 -5.14
C GLU B 115 -3.64 -18.76 -4.95
N VAL B 116 -4.45 -19.13 -5.93
CA VAL B 116 -5.15 -20.41 -5.94
C VAL B 116 -4.51 -21.35 -6.98
N PRO B 117 -3.89 -22.46 -6.54
CA PRO B 117 -3.34 -23.41 -7.52
C PRO B 117 -4.42 -24.05 -8.36
N PRO B 118 -4.12 -24.28 -9.64
CA PRO B 118 -5.12 -25.00 -10.41
C PRO B 118 -5.44 -26.39 -9.77
N ALA B 119 -4.48 -26.97 -9.08
CA ALA B 119 -4.71 -28.24 -8.41
C ALA B 119 -5.82 -28.15 -7.35
N LEU B 120 -5.94 -27.00 -6.70
CA LEU B 120 -6.93 -26.84 -5.67
C LEU B 120 -8.32 -26.74 -6.30
N VAL B 121 -8.43 -26.20 -7.50
CA VAL B 121 -9.72 -26.22 -8.21
C VAL B 121 -10.10 -27.68 -8.55
N THR B 122 -9.11 -28.39 -9.10
CA THR B 122 -9.23 -29.82 -9.42
C THR B 122 -9.65 -30.64 -8.21
N SER B 123 -8.92 -30.51 -7.10
CA SER B 123 -9.32 -31.20 -5.87
C SER B 123 -10.75 -30.78 -5.43
N ALA B 124 -11.06 -29.49 -5.44
CA ALA B 124 -12.37 -28.99 -4.99
C ALA B 124 -13.57 -29.47 -5.80
N LEU B 125 -13.37 -29.72 -7.09
CA LEU B 125 -14.46 -30.18 -7.96
C LEU B 125 -14.91 -31.58 -7.59
N LYS B 126 -14.00 -32.33 -6.98
CA LYS B 126 -14.35 -33.63 -6.45
C LYS B 126 -15.15 -33.48 -5.13
N LYS B 127 -14.80 -32.49 -4.32
CA LYS B 127 -15.42 -32.28 -3.01
C LYS B 127 -16.72 -31.45 -3.11
N PHE B 128 -16.72 -30.42 -3.94
CA PHE B 128 -17.84 -29.49 -4.01
C PHE B 128 -18.66 -29.71 -5.26
N PRO B 129 -20.00 -29.76 -5.13
CA PRO B 129 -20.87 -29.98 -6.29
C PRO B 129 -21.01 -28.78 -7.23
N PHE B 130 -20.72 -27.58 -6.76
CA PHE B 130 -20.97 -26.40 -7.54
C PHE B 130 -19.78 -25.46 -7.33
N VAL B 131 -18.96 -25.37 -8.37
CA VAL B 131 -17.76 -24.59 -8.38
C VAL B 131 -17.83 -23.55 -9.55
N ALA B 132 -17.70 -22.29 -9.18
CA ALA B 132 -17.58 -21.17 -10.11
C ALA B 132 -16.18 -20.58 -10.06
N VAL B 133 -15.72 -20.08 -11.20
CA VAL B 133 -14.33 -19.65 -11.33
C VAL B 133 -14.20 -18.37 -12.18
N ASP B 134 -13.33 -17.45 -11.75
CA ASP B 134 -12.86 -16.40 -12.60
C ASP B 134 -11.44 -16.71 -13.01
N ILE B 135 -11.13 -16.62 -14.30
CA ILE B 135 -9.80 -17.04 -14.78
C ILE B 135 -8.67 -16.07 -14.44
N GLN B 136 -9.02 -14.83 -14.07
CA GLN B 136 -8.04 -13.73 -14.15
C GLN B 136 -6.75 -13.98 -13.37
N GLY B 137 -6.90 -14.52 -12.18
CA GLY B 137 -5.77 -14.76 -11.29
C GLY B 137 -4.91 -15.96 -11.65
N PHE B 138 -5.39 -16.81 -12.56
CA PHE B 138 -4.64 -18.00 -12.99
C PHE B 138 -3.67 -17.73 -14.13
N ILE B 139 -3.84 -16.60 -14.80
CA ILE B 139 -3.08 -16.29 -16.00
C ILE B 139 -2.17 -15.06 -15.90
N ARG B 140 -2.06 -14.48 -14.71
CA ARG B 140 -1.19 -13.33 -14.45
C ARG B 140 0.10 -13.78 -13.82
N SER B 141 1.21 -13.12 -14.17
CA SER B 141 2.46 -13.32 -13.41
C SER B 141 2.32 -12.93 -11.96
N SER B 142 2.87 -13.75 -11.07
CA SER B 142 2.82 -13.49 -9.63
C SER B 142 4.03 -12.72 -9.13
N SER B 143 5.05 -12.52 -9.98
CA SER B 143 6.17 -11.62 -9.62
C SER B 143 5.66 -10.18 -9.50
N PRO B 144 6.25 -9.38 -8.59
CA PRO B 144 5.73 -8.03 -8.47
C PRO B 144 6.05 -7.24 -9.75
N GLY B 145 5.14 -6.34 -10.14
CA GLY B 145 5.35 -5.46 -11.27
C GLY B 145 4.21 -5.35 -12.25
N GLU B 146 4.50 -4.71 -13.37
CA GLU B 146 3.58 -4.61 -14.48
C GLU B 146 3.11 -6.05 -14.84
N ILE B 147 1.79 -6.21 -15.02
CA ILE B 147 1.22 -7.54 -15.14
C ILE B 147 1.56 -8.07 -16.52
N GLN B 148 1.86 -9.37 -16.54
CA GLN B 148 2.19 -10.06 -17.75
C GLN B 148 1.38 -11.33 -17.76
N TYR B 149 0.64 -11.54 -18.85
CA TYR B 149 -0.19 -12.73 -18.96
C TYR B 149 0.64 -13.87 -19.50
N GLN B 150 0.27 -15.07 -19.10
CA GLN B 150 1.01 -16.29 -19.37
C GLN B 150 -0.07 -17.33 -19.67
N PRO B 151 0.13 -18.11 -20.75
CA PRO B 151 -0.84 -19.13 -21.10
C PRO B 151 -0.86 -20.28 -20.08
N ILE B 152 -2.01 -20.92 -19.89
CA ILE B 152 -2.08 -22.13 -19.06
C ILE B 152 -3.00 -23.18 -19.66
N ASP B 153 -2.76 -24.44 -19.31
CA ASP B 153 -3.64 -25.50 -19.75
C ASP B 153 -4.90 -25.39 -18.92
N GLY B 154 -6.05 -25.58 -19.57
CA GLY B 154 -7.33 -25.46 -18.94
C GLY B 154 -8.09 -26.75 -18.72
N SER B 155 -7.43 -27.90 -18.89
CA SER B 155 -8.09 -29.17 -18.62
C SER B 155 -8.58 -29.24 -17.16
N PHE B 156 -7.83 -28.64 -16.24
CA PHE B 156 -8.21 -28.58 -14.82
C PHE B 156 -9.60 -27.98 -14.50
N LEU B 157 -10.16 -27.20 -15.44
CA LEU B 157 -11.50 -26.58 -15.29
C LEU B 157 -12.73 -27.48 -15.66
N LYS B 158 -12.49 -28.65 -16.24
CA LYS B 158 -13.58 -29.54 -16.62
C LYS B 158 -14.49 -29.83 -15.43
N GLY B 159 -15.80 -29.65 -15.59
CA GLY B 159 -16.74 -29.83 -14.49
C GLY B 159 -17.06 -28.53 -13.76
N VAL B 160 -16.24 -27.48 -13.92
CA VAL B 160 -16.63 -26.13 -13.38
C VAL B 160 -18.05 -25.77 -13.85
N LYS B 161 -18.94 -25.33 -12.96
CA LYS B 161 -20.28 -24.93 -13.41
C LYS B 161 -20.26 -23.58 -14.24
N ILE B 162 -19.56 -22.58 -13.73
CA ILE B 162 -19.57 -21.20 -14.32
C ILE B 162 -18.12 -20.70 -14.37
N LEU B 163 -17.63 -20.38 -15.56
CA LEU B 163 -16.32 -19.74 -15.71
C LEU B 163 -16.48 -18.37 -16.38
N HIS B 164 -15.87 -17.36 -15.77
CA HIS B 164 -15.82 -16.05 -16.38
C HIS B 164 -14.40 -15.68 -16.74
N ALA B 165 -14.31 -15.10 -17.92
CA ALA B 165 -13.09 -14.51 -18.47
C ALA B 165 -13.54 -13.28 -19.26
N ASP B 166 -12.73 -12.24 -19.26
CA ASP B 166 -12.99 -11.18 -20.22
C ASP B 166 -12.25 -11.59 -21.47
N LEU B 167 -12.50 -10.86 -22.56
CA LEU B 167 -12.17 -11.31 -23.90
C LEU B 167 -10.65 -11.43 -24.07
N GLY B 168 -9.91 -10.43 -23.57
CA GLY B 168 -8.45 -10.43 -23.55
C GLY B 168 -7.83 -11.55 -22.74
N GLU B 169 -8.51 -11.96 -21.67
CA GLU B 169 -8.02 -13.08 -20.87
C GLU B 169 -8.12 -14.41 -21.58
N TYR B 170 -9.18 -14.58 -22.37
CA TYR B 170 -9.55 -15.91 -22.86
C TYR B 170 -8.46 -16.50 -23.75
N GLN B 171 -7.78 -15.68 -24.55
CA GLN B 171 -6.70 -16.19 -25.40
C GLN B 171 -5.57 -16.90 -24.63
N TYR B 172 -5.43 -16.65 -23.32
CA TYR B 172 -4.37 -17.32 -22.57
C TYR B 172 -4.86 -18.60 -21.94
N LEU B 173 -6.11 -18.94 -22.14
CA LEU B 173 -6.63 -20.19 -21.61
C LEU B 173 -6.49 -21.18 -22.74
N GLN B 174 -5.46 -22.03 -22.70
CA GLN B 174 -5.23 -22.97 -23.82
C GLN B 174 -5.72 -24.38 -23.45
N GLY B 175 -5.77 -25.29 -24.43
CA GLY B 175 -6.34 -26.63 -24.25
C GLY B 175 -7.67 -26.55 -23.50
N PHE B 176 -8.53 -25.65 -23.96
CA PHE B 176 -9.84 -25.45 -23.33
C PHE B 176 -10.88 -25.34 -24.43
N SER B 177 -12.06 -25.91 -24.18
CA SER B 177 -13.24 -25.73 -25.00
C SER B 177 -14.45 -25.42 -24.10
N PRO B 178 -15.32 -24.48 -24.51
CA PRO B 178 -16.46 -24.05 -23.69
C PRO B 178 -17.33 -25.17 -23.07
N GLU B 179 -17.37 -26.34 -23.69
CA GLU B 179 -18.15 -27.50 -23.15
C GLU B 179 -17.55 -28.14 -21.89
N PHE B 180 -16.27 -27.90 -21.63
CA PHE B 180 -15.63 -28.22 -20.34
C PHE B 180 -16.44 -27.74 -19.12
N VAL B 181 -17.18 -26.64 -19.28
CA VAL B 181 -17.92 -25.98 -18.17
C VAL B 181 -19.37 -25.92 -18.59
N ASP B 182 -20.31 -25.86 -17.65
CA ASP B 182 -21.71 -25.70 -18.05
C ASP B 182 -21.92 -24.32 -18.66
N VAL B 183 -21.42 -23.29 -17.99
CA VAL B 183 -21.58 -21.90 -18.47
C VAL B 183 -20.26 -21.18 -18.58
N LEU B 184 -19.98 -20.65 -19.76
CA LEU B 184 -18.80 -19.86 -19.98
C LEU B 184 -19.30 -18.47 -20.28
N LEU B 185 -18.86 -17.49 -19.48
CA LEU B 185 -19.18 -16.06 -19.67
C LEU B 185 -17.94 -15.36 -20.18
N LEU B 186 -18.00 -14.92 -21.43
CA LEU B 186 -16.89 -14.22 -22.09
C LEU B 186 -17.32 -12.79 -22.27
N SER B 187 -16.91 -11.91 -21.35
CA SER B 187 -17.42 -10.53 -21.32
C SER B 187 -16.45 -9.62 -22.04
N ASN B 188 -16.92 -8.43 -22.41
CA ASN B 188 -16.06 -7.45 -23.06
C ASN B 188 -16.43 -6.01 -22.71
N GLY B 189 -16.48 -5.72 -21.42
CA GLY B 189 -16.84 -4.37 -20.96
C GLY B 189 -18.22 -3.98 -21.45
N PRO B 190 -18.39 -2.75 -21.97
CA PRO B 190 -19.68 -2.33 -22.50
C PRO B 190 -20.08 -2.99 -23.84
N GLU B 191 -19.11 -3.58 -24.54
CA GLU B 191 -19.33 -4.15 -25.87
C GLU B 191 -20.09 -5.49 -25.73
N PRO B 192 -20.67 -6.00 -26.85
CA PRO B 192 -21.38 -7.28 -26.80
C PRO B 192 -20.54 -8.38 -26.19
N GLY B 193 -21.13 -9.23 -25.37
CA GLY B 193 -20.41 -10.39 -24.87
C GLY B 193 -20.82 -11.68 -25.53
N LYS B 194 -20.16 -12.76 -25.15
CA LYS B 194 -20.63 -14.12 -25.50
C LYS B 194 -20.86 -14.93 -24.22
N ALA B 195 -21.88 -15.78 -24.26
CA ALA B 195 -22.11 -16.77 -23.18
C ALA B 195 -22.45 -18.11 -23.80
N PHE B 196 -21.91 -19.17 -23.21
CA PHE B 196 -22.08 -20.51 -23.70
C PHE B 196 -22.73 -21.35 -22.63
N LEU B 197 -23.78 -22.08 -23.01
CA LEU B 197 -24.43 -23.07 -22.17
C LEU B 197 -24.13 -24.47 -22.77
N HIS B 198 -23.36 -25.28 -22.06
CA HIS B 198 -22.87 -26.58 -22.59
C HIS B 198 -22.36 -26.45 -24.03
N GLY B 199 -21.56 -25.43 -24.27
CA GLY B 199 -20.95 -25.24 -25.58
C GLY B 199 -21.83 -24.51 -26.57
N ARG B 200 -23.09 -24.22 -26.23
CA ARG B 200 -23.97 -23.53 -27.16
C ARG B 200 -23.79 -22.02 -27.06
N GLU B 201 -23.44 -21.39 -28.17
CA GLU B 201 -23.12 -19.96 -28.16
C GLU B 201 -24.33 -19.01 -28.12
N TYR B 202 -24.29 -18.03 -27.23
CA TYR B 202 -25.22 -16.92 -27.23
C TYR B 202 -24.38 -15.62 -27.21
N THR B 203 -24.98 -14.53 -27.68
CA THR B 203 -24.41 -13.18 -27.53
C THR B 203 -25.32 -12.45 -26.53
N PHE B 204 -24.76 -11.52 -25.75
CA PHE B 204 -25.58 -10.60 -24.95
C PHE B 204 -25.07 -9.17 -25.07
N GLU B 205 -25.95 -8.19 -24.91
CA GLU B 205 -25.56 -6.77 -24.97
C GLU B 205 -25.73 -6.14 -23.61
N PRO B 206 -24.63 -5.73 -22.98
CA PRO B 206 -24.78 -5.07 -21.70
C PRO B 206 -25.67 -3.83 -21.75
N VAL B 207 -26.22 -3.43 -20.61
CA VAL B 207 -26.96 -2.15 -20.53
C VAL B 207 -25.98 -0.96 -20.59
N HIS B 208 -26.19 -0.03 -21.51
CA HIS B 208 -25.39 1.20 -21.60
C HIS B 208 -25.31 1.90 -20.24
N VAL B 209 -24.10 2.06 -19.69
CA VAL B 209 -23.89 2.84 -18.46
C VAL B 209 -22.55 3.60 -18.50
N GLY B 210 -22.64 4.92 -18.39
CA GLY B 210 -21.46 5.78 -18.34
C GLY B 210 -20.69 5.60 -17.05
N VAL B 211 -19.46 5.15 -17.17
CA VAL B 211 -18.59 4.93 -16.02
C VAL B 211 -17.23 5.55 -16.32
N ASP B 212 -16.52 6.02 -15.29
CA ASP B 212 -15.11 6.39 -15.49
C ASP B 212 -14.21 5.30 -14.92
N GLU B 213 -14.81 4.26 -14.37
CA GLU B 213 -14.06 3.13 -13.89
C GLU B 213 -14.98 1.90 -13.73
N SER B 214 -14.53 0.75 -14.22
CA SER B 214 -15.31 -0.48 -14.19
C SER B 214 -14.78 -1.54 -13.19
N THR B 215 -14.03 -1.10 -12.18
CA THR B 215 -13.37 -2.02 -11.26
C THR B 215 -14.38 -2.95 -10.58
N GLY B 216 -14.11 -4.26 -10.64
CA GLY B 216 -15.01 -5.28 -10.11
C GLY B 216 -16.16 -5.75 -10.98
N ALA B 217 -16.32 -5.16 -12.17
CA ALA B 217 -17.45 -5.50 -13.00
C ALA B 217 -17.51 -7.00 -13.32
N GLY B 218 -16.40 -7.62 -13.75
CA GLY B 218 -16.42 -9.02 -14.05
C GLY B 218 -16.67 -9.86 -12.83
N ASP B 219 -16.23 -9.41 -11.65
CA ASP B 219 -16.32 -10.16 -10.43
C ASP B 219 -17.78 -10.21 -10.00
N VAL B 220 -18.44 -9.06 -10.11
CA VAL B 220 -19.84 -8.88 -9.77
C VAL B 220 -20.73 -9.66 -10.76
N PHE B 221 -20.37 -9.56 -12.04
CA PHE B 221 -21.08 -10.30 -13.08
C PHE B 221 -21.08 -11.81 -12.81
N LEU B 222 -19.93 -12.34 -12.43
CA LEU B 222 -19.78 -13.75 -12.08
C LEU B 222 -20.54 -14.09 -10.82
N GLY B 223 -20.45 -13.22 -9.82
CA GLY B 223 -21.11 -13.43 -8.53
C GLY B 223 -22.62 -13.38 -8.65
N ALA B 224 -23.09 -12.42 -9.45
CA ALA B 224 -24.53 -12.33 -9.67
C ALA B 224 -25.03 -13.51 -10.52
N PHE B 225 -24.29 -13.88 -11.57
CA PHE B 225 -24.74 -14.98 -12.39
C PHE B 225 -24.81 -16.23 -11.56
N THR B 226 -23.77 -16.48 -10.78
CA THR B 226 -23.79 -17.56 -9.77
C THR B 226 -25.02 -17.53 -8.89
N GLY B 227 -25.37 -16.36 -8.40
CA GLY B 227 -26.55 -16.20 -7.57
C GLY B 227 -27.84 -16.50 -8.32
N PHE B 228 -28.00 -15.96 -9.51
CA PHE B 228 -29.27 -16.17 -10.24
C PHE B 228 -29.40 -17.61 -10.79
N TYR B 229 -28.26 -18.27 -11.00
CA TYR B 229 -28.18 -19.55 -11.75
C TYR B 229 -29.00 -20.62 -11.12
N SER B 230 -29.11 -20.61 -9.80
CA SER B 230 -29.83 -21.68 -9.22
C SER B 230 -31.35 -21.58 -9.38
N GLN B 231 -31.87 -20.39 -9.62
CA GLN B 231 -33.34 -20.21 -9.62
C GLN B 231 -33.85 -19.91 -11.00
N CYS B 232 -32.96 -19.45 -11.84
CA CYS B 232 -33.30 -18.90 -13.13
C CYS B 232 -32.65 -19.73 -14.23
N PRO B 233 -33.44 -20.13 -15.24
CA PRO B 233 -32.86 -20.72 -16.44
C PRO B 233 -31.79 -19.82 -17.03
N PHE B 234 -30.90 -20.40 -17.84
CA PHE B 234 -29.74 -19.74 -18.34
C PHE B 234 -29.98 -18.32 -18.88
N VAL B 235 -30.98 -18.12 -19.75
CA VAL B 235 -31.15 -16.84 -20.43
C VAL B 235 -31.54 -15.73 -19.42
N GLN B 236 -32.50 -16.06 -18.58
CA GLN B 236 -32.93 -15.18 -17.51
C GLN B 236 -31.81 -14.90 -16.49
N ALA B 237 -31.08 -15.91 -16.02
CA ALA B 237 -29.88 -15.68 -15.18
C ALA B 237 -28.89 -14.70 -15.80
N LEU B 238 -28.62 -14.90 -17.09
CA LEU B 238 -27.72 -14.05 -17.82
C LEU B 238 -28.22 -12.59 -17.88
N LYS B 239 -29.47 -12.38 -18.25
CA LYS B 239 -30.04 -11.05 -18.33
C LYS B 239 -30.00 -10.38 -16.96
N ARG B 240 -30.37 -11.13 -15.93
CA ARG B 240 -30.40 -10.60 -14.60
C ARG B 240 -29.00 -10.36 -14.04
N ALA B 241 -28.01 -11.16 -14.44
CA ALA B 241 -26.63 -10.91 -14.03
C ALA B 241 -26.14 -9.63 -14.64
N ALA B 242 -26.43 -9.43 -15.93
CA ALA B 242 -25.99 -8.22 -16.63
C ALA B 242 -26.62 -6.94 -16.03
N ALA B 243 -27.88 -7.06 -15.62
CA ALA B 243 -28.63 -5.93 -15.06
C ALA B 243 -28.10 -5.61 -13.67
N PHE B 244 -27.87 -6.66 -12.88
CA PHE B 244 -27.27 -6.50 -11.56
C PHE B 244 -25.93 -5.76 -11.66
N THR B 245 -25.12 -6.18 -12.61
CA THR B 245 -23.81 -5.60 -12.80
C THR B 245 -23.91 -4.13 -13.17
N ALA B 246 -24.84 -3.81 -14.06
CA ALA B 246 -25.04 -2.44 -14.55
C ALA B 246 -25.45 -1.45 -13.42
N LEU B 247 -26.34 -1.93 -12.54
CA LEU B 247 -26.77 -1.19 -11.37
C LEU B 247 -25.62 -1.05 -10.37
N PHE B 248 -24.81 -2.09 -10.27
CA PHE B 248 -23.63 -2.05 -9.44
C PHE B 248 -22.68 -0.97 -9.93
N LEU B 249 -22.49 -0.89 -11.25
CA LEU B 249 -21.64 0.13 -11.81
C LEU B 249 -22.21 1.52 -11.63
N LYS B 250 -23.53 1.65 -11.76
CA LYS B 250 -24.19 2.93 -11.63
C LYS B 250 -24.21 3.38 -10.17
N ASN B 251 -24.51 2.48 -9.23
CA ASN B 251 -24.55 2.83 -7.81
C ASN B 251 -23.17 2.80 -7.16
N ARG B 252 -22.25 2.05 -7.74
CA ARG B 252 -20.96 1.75 -7.13
C ARG B 252 -21.21 1.03 -5.80
N SER B 253 -22.26 0.21 -5.77
CA SER B 253 -22.65 -0.55 -4.58
C SER B 253 -23.74 -1.53 -4.99
N VAL B 254 -24.06 -2.46 -4.09
CA VAL B 254 -25.16 -3.40 -4.28
C VAL B 254 -26.39 -3.11 -3.43
N ASP B 255 -26.53 -1.88 -2.95
CA ASP B 255 -27.59 -1.53 -1.98
C ASP B 255 -29.02 -1.48 -2.56
N PHE B 256 -29.16 -1.78 -3.85
CA PHE B 256 -30.39 -1.58 -4.64
C PHE B 256 -31.36 -2.76 -4.51
N SER B 257 -32.55 -2.66 -5.10
CA SER B 257 -33.57 -3.69 -4.93
C SER B 257 -33.46 -4.75 -6.02
N MET B 258 -33.73 -5.98 -5.63
CA MET B 258 -33.68 -7.08 -6.58
C MET B 258 -34.82 -6.95 -7.59
N ASP B 259 -35.91 -6.26 -7.21
CA ASP B 259 -37.01 -5.93 -8.13
C ASP B 259 -36.55 -5.04 -9.29
N ASP B 260 -35.72 -4.05 -8.98
CA ASP B 260 -35.14 -3.19 -10.01
C ASP B 260 -34.25 -4.03 -10.97
N VAL B 261 -33.49 -4.97 -10.42
CA VAL B 261 -32.68 -5.89 -11.27
C VAL B 261 -33.60 -6.60 -12.26
N ASN B 262 -34.67 -7.19 -11.76
CA ASN B 262 -35.63 -7.92 -12.61
C ASN B 262 -36.23 -7.06 -13.72
N GLU B 263 -36.57 -5.82 -13.40
CA GLU B 263 -37.23 -4.97 -14.37
C GLU B 263 -36.22 -4.53 -15.45
N LEU B 264 -35.00 -4.19 -15.06
CA LEU B 264 -33.94 -3.84 -16.02
C LEU B 264 -33.48 -5.04 -16.89
N ALA B 265 -33.53 -6.23 -16.30
CA ALA B 265 -33.15 -7.47 -17.00
C ALA B 265 -34.00 -7.72 -18.22
N MET B 266 -35.28 -7.35 -18.13
CA MET B 266 -36.25 -7.54 -19.21
C MET B 266 -35.82 -6.85 -20.50
N LYS B 267 -35.02 -5.80 -20.42
CA LYS B 267 -34.53 -5.14 -21.64
C LYS B 267 -33.08 -5.46 -21.97
N VAL B 268 -32.51 -6.47 -21.30
CA VAL B 268 -31.20 -6.94 -21.73
C VAL B 268 -31.35 -7.87 -22.94
N GLU B 269 -30.56 -7.62 -23.97
CA GLU B 269 -30.67 -8.33 -25.23
C GLU B 269 -29.81 -9.58 -25.21
N VAL B 270 -30.44 -10.73 -25.38
CA VAL B 270 -29.75 -12.01 -25.49
C VAL B 270 -30.28 -12.78 -26.69
N LYS B 271 -29.38 -13.39 -27.42
CA LYS B 271 -29.75 -14.10 -28.63
C LYS B 271 -28.93 -15.36 -28.70
N ARG B 272 -29.57 -16.49 -28.95
CA ARG B 272 -28.87 -17.71 -29.28
C ARG B 272 -28.32 -17.68 -30.71
N VAL B 273 -27.03 -17.95 -30.87
CA VAL B 273 -26.46 -18.03 -32.19
C VAL B 273 -26.77 -19.41 -32.75
C1 LIP C . 13.59 6.79 5.46
C2 LIP C . 12.93 7.68 4.42
C3 LIP C . 12.00 6.83 3.56
C4 LIP C . 10.92 6.21 4.41
C5 LIP C . 11.54 5.34 5.52
C6 LIP C . 12.52 6.15 6.34
P1 LIP C . 16.03 7.23 6.58
O1 LIP C . 14.50 7.62 6.19
O2 LIP C . 13.95 8.31 3.64
O3 LIP C . 11.37 7.58 2.53
O4 LIP C . 10.07 5.47 3.52
O5 LIP C . 10.50 4.82 6.39
O6 LIP C . 11.80 7.18 7.04
O7 LIP C . 16.16 5.69 6.38
O8 LIP C . 17.01 8.06 5.79
O9 LIP C . 16.04 7.66 8.06
PB ADP D . 20.22 8.12 6.26
O1B ADP D . 19.46 6.95 6.88
O2B ADP D . 20.90 7.67 4.96
O3B ADP D . 19.51 9.43 6.19
PA ADP D . 22.77 7.28 7.37
O1A ADP D . 22.58 5.88 6.79
O2A ADP D . 24.09 8.00 7.27
O3A ADP D . 21.56 8.33 7.13
O5' ADP D . 22.63 7.01 8.98
C5' ADP D . 22.86 8.05 9.93
C4' ADP D . 23.66 7.50 11.11
O4' ADP D . 23.13 6.22 11.52
C3' ADP D . 25.12 7.25 10.75
O3' ADP D . 25.93 8.40 10.87
C2' ADP D . 25.50 6.20 11.77
O2' ADP D . 25.80 6.82 13.02
C1' ADP D . 24.22 5.39 11.91
N9 ADP D . 24.31 4.23 11.01
C8 ADP D . 23.68 4.13 9.82
N7 ADP D . 23.91 2.95 9.26
C5 ADP D . 24.71 2.27 10.06
C6 ADP D . 25.34 0.96 10.01
N6 ADP D . 25.12 0.15 8.94
N1 ADP D . 26.12 0.58 11.04
C2 ADP D . 26.33 1.41 12.09
N3 ADP D . 25.78 2.63 12.20
C4 ADP D . 24.97 3.11 11.23
C1 INS E . 11.64 5.29 5.64
C2 INS E . 12.60 6.13 6.47
C3 INS E . 13.71 6.67 5.58
C4 INS E . 13.12 7.57 4.51
C5 INS E . 12.18 6.76 3.63
C6 INS E . 11.11 6.07 4.43
O1 INS E . 10.55 4.87 6.47
O2 INS E . 11.92 7.23 7.08
O3 INS E . 14.64 7.39 6.38
O4 INS E . 14.17 8.15 3.73
O5 INS E . 11.57 7.60 2.66
O6 INS E . 10.45 5.16 3.55
MG MG F . 17.72 9.93 5.42
I IOD G . -4.11 27.02 15.35
I IOD H . 36.80 10.28 13.75
I IOD I . -0.20 9.26 -5.77
I IOD J . -3.49 -0.17 5.45
I IOD K . 30.63 11.13 26.19
I IOD L . -3.81 24.16 16.50
I IOD M . -6.27 18.75 21.37
I IOD N . 2.07 28.71 8.87
I IOD O . 31.41 27.82 19.44
I IOD P . 3.10 8.62 -6.84
I IOD Q . 21.40 25.24 18.52
C1 EDO R . 19.07 -5.97 -6.50
O1 EDO R . 20.43 -6.47 -6.46
C2 EDO R . 19.02 -4.59 -7.21
O2 EDO R . 17.90 -3.75 -6.86
C1 LIP S . -10.34 -6.69 -10.43
C2 LIP S . -9.11 -7.56 -10.33
C3 LIP S . -7.97 -6.77 -9.73
C4 LIP S . -8.35 -6.25 -8.35
C5 LIP S . -9.65 -5.43 -8.33
C6 LIP S . -10.77 -6.20 -9.01
P1 LIP S . -12.26 -6.98 -12.33
O1 LIP S . -11.36 -7.48 -11.08
O2 LIP S . -8.73 -8.09 -11.63
O3 LIP S . -6.75 -7.56 -9.63
O4 LIP S . -7.26 -5.42 -7.95
O5 LIP S . -10.04 -5.08 -6.97
O6 LIP S . -11.09 -7.31 -8.20
O7 LIP S . -11.73 -7.67 -13.56
O8 LIP S . -12.19 -5.45 -12.35
O9 LIP S . -13.63 -7.51 -11.97
PB ADP T . -13.73 -7.68 -16.19
O1B ADP T . -13.36 -8.99 -15.55
O2B ADP T . -14.21 -6.73 -15.07
O3B ADP T . -12.77 -7.06 -17.18
PA ADP T . -15.77 -6.88 -17.97
O1A ADP T . -15.88 -7.54 -19.33
O2A ADP T . -15.36 -5.45 -17.96
O3A ADP T . -15.03 -7.94 -17.01
O5' ADP T . -17.13 -7.03 -17.16
C5' ADP T . -18.11 -6.78 -18.08
C4' ADP T . -19.49 -7.14 -17.61
O4' ADP T . -19.93 -6.12 -16.67
C3' ADP T . -20.12 -6.93 -18.98
O3' ADP T . -20.46 -8.15 -19.61
C2' ADP T . -21.20 -5.95 -18.66
O2' ADP T . -22.42 -6.66 -18.39
C1' ADP T . -20.68 -5.19 -17.42
N9 ADP T . -19.87 -3.99 -17.79
C8 ADP T . -18.54 -3.73 -17.65
N7 ADP T . -18.22 -2.50 -18.08
C5 ADP T . -19.34 -1.93 -18.52
C6 ADP T . -19.72 -0.63 -19.08
N6 ADP T . -18.83 0.37 -19.33
N1 ADP T . -21.04 -0.47 -19.37
C2 ADP T . -21.96 -1.39 -19.15
N3 ADP T . -21.68 -2.62 -18.63
C4 ADP T . -20.41 -2.90 -18.30
C1 INS U . -9.98 -5.03 -8.69
C2 INS U . -11.01 -6.06 -9.10
C3 INS U . -10.64 -6.65 -10.47
C4 INS U . -9.29 -7.35 -10.36
C5 INS U . -8.21 -6.39 -9.89
C6 INS U . -8.58 -5.65 -8.60
O1 INS U . -10.36 -4.41 -7.44
O2 INS U . -11.00 -7.12 -8.14
O3 INS U . -11.62 -7.58 -10.93
O4 INS U . -8.94 -7.93 -11.63
O5 INS U . -6.97 -7.10 -9.72
O6 INS U . -7.67 -4.59 -8.36
MG MG V . -11.87 -9.60 -14.32
I IOD W . -10.38 -29.46 -1.65
I IOD X . 5.58 -9.77 -2.35
I IOD Y . -33.60 -15.24 -8.26
I IOD Z . -26.29 -21.67 -30.08
#